data_6TN6
#
_entry.id   6TN6
#
_cell.length_a   174.710
_cell.length_b   174.710
_cell.length_c   174.710
_cell.angle_alpha   90.000
_cell.angle_beta   90.000
_cell.angle_gamma   90.000
#
_symmetry.space_group_name_H-M   'I 21 3'
#
loop_
_entity.id
_entity.type
_entity.pdbx_description
1 polymer 'Mannan endo-1,4-beta-mannosidase. Glycosyl Hydrolase family 5'
2 non-polymer (4S)-2-METHYL-2,4-PENTANEDIOL
3 non-polymer 1,2-ETHANEDIOL
4 non-polymer 'ACETATE ION'
5 non-polymer 'CARBONATE ION'
6 non-polymer GLYCEROL
7 non-polymer DI(HYDROXYETHYL)ETHER
8 non-polymer 2-AMINO-2-HYDROXYMETHYL-PROPANE-1,3-DIOL
9 non-polymer 'CHLORIDE ION'
10 non-polymer 'SODIUM ION'
11 water water
#
_entity_poly.entity_id   1
_entity_poly.type   'polypeptide(L)'
_entity_poly.pdbx_seq_one_letter_code
;GSHMASMLNGKEFRFIGSNNYYMHYKSNRMIDSVLESARDMGIKVLRIWGFLDGESYCRDKNTYMHPEPGVFGVPEGISN
AQNGFERLDYTIAKAKELGIKLIIVLVNNWDDFGGMNQYVRWFGGTHHDDFYRDERIKEEYKKYVSFLINHVNVYTGVPY
REEPTIMAWELANELRCETDKSGNTLVEWVKEMSSYIKSLDPNHLVAVGDEGFFSNYEGFKPYGGEAEWAYNGWSGVDWK
KLLSIETVDFGTFHLYPSHWGVSPENYAQWGAKWIEDHIKIAKEIGKPVVLEEYGIPKSAPVNRTAIYRLWNDLVYDLGG
DGAMFWMLAGIGEGSDRDERGYYPDYDGFRIVNDDSPEAELIREYAKLFNTGEDIREDTCSFILPKDGMEIKKTVEVRAG
VFDYSNTFEKLSVKVEDLVFENEIEHLGYGIYGFDLDTTRIPDGEHEMFLEGHFQGKTVKDSIKAKVVNEARYVLAGKVD
FSSPEEVKNWWNSGTWQAEFESPDIEWNSEVGNGALQLNVKLPGKSDWEEVRAARKFEKLSECEILEYDIYIPDVEGLKG
RLRPYAVLNPGWVKIGLDMNNTSVESAEIVTFGGKEYRKFHVRIEFDKTAGVNELHIGIVGDHLKYNGPIFIDNVKLYTK
EAE
;
_entity_poly.pdbx_strand_id   A
#
loop_
_chem_comp.id
_chem_comp.type
_chem_comp.name
_chem_comp.formula
ACT non-polymer 'ACETATE ION' 'C2 H3 O2 -1'
CL non-polymer 'CHLORIDE ION' 'Cl -1'
CO3 non-polymer 'CARBONATE ION' 'C O3 -2'
EDO non-polymer 1,2-ETHANEDIOL 'C2 H6 O2'
GOL non-polymer GLYCEROL 'C3 H8 O3'
MPD non-polymer (4S)-2-METHYL-2,4-PENTANEDIOL 'C6 H14 O2'
NA non-polymer 'SODIUM ION' 'Na 1'
PEG non-polymer DI(HYDROXYETHYL)ETHER 'C4 H10 O3'
TRS non-polymer 2-AMINO-2-HYDROXYMETHYL-PROPANE-1,3-DIOL 'C4 H12 N O3 1'
#
# COMPACT_ATOMS: atom_id res chain seq x y z
N SER A 6 27.76 3.93 -9.76
CA SER A 6 26.90 3.70 -10.93
C SER A 6 25.54 3.17 -10.48
N MET A 7 24.50 3.95 -10.75
CA MET A 7 23.15 3.62 -10.33
C MET A 7 22.19 4.51 -11.11
N LEU A 8 21.03 3.98 -11.45
CA LEU A 8 20.05 4.77 -12.18
C LEU A 8 19.20 5.64 -11.27
N ASN A 9 19.15 5.33 -9.98
CA ASN A 9 18.37 6.04 -8.95
C ASN A 9 19.18 6.00 -7.65
N GLY A 10 20.39 6.52 -7.68
CA GLY A 10 21.29 6.44 -6.55
C GLY A 10 21.13 7.51 -5.49
N LYS A 11 20.04 8.26 -5.51
CA LYS A 11 19.76 9.30 -4.52
C LYS A 11 18.58 8.84 -3.68
N GLU A 12 18.79 8.75 -2.37
CA GLU A 12 17.70 8.47 -1.45
C GLU A 12 16.71 9.64 -1.51
N PHE A 13 15.56 9.43 -2.11
CA PHE A 13 14.54 10.46 -2.12
C PHE A 13 13.32 9.89 -1.43
N ARG A 14 12.46 10.80 -1.05
CA ARG A 14 11.24 10.46 -0.35
C ARG A 14 10.08 10.79 -1.22
N PHE A 15 9.02 10.02 -1.11
CA PHE A 15 7.91 10.18 -2.01
C PHE A 15 6.60 9.70 -1.42
N ILE A 16 5.52 10.23 -1.97
CA ILE A 16 4.22 9.61 -1.94
C ILE A 16 4.04 8.79 -3.19
N GLY A 17 3.61 7.54 -3.05
CA GLY A 17 3.40 6.67 -4.17
C GLY A 17 2.01 6.07 -4.17
N SER A 18 1.78 5.24 -5.20
CA SER A 18 0.61 4.42 -5.19
C SER A 18 0.85 3.13 -5.94
N ASN A 19 -0.21 2.37 -6.08
CA ASN A 19 -0.19 1.08 -6.76
C ASN A 19 -1.25 1.09 -7.86
N ASN A 20 -0.93 0.42 -8.97
CA ASN A 20 -1.96 0.12 -9.95
C ASN A 20 -1.56 -1.17 -10.69
N TYR A 21 -2.51 -2.10 -10.71
CA TYR A 21 -2.21 -3.44 -11.21
C TYR A 21 -2.60 -3.67 -12.65
N TYR A 22 -3.14 -2.69 -13.36
CA TYR A 22 -3.65 -2.93 -14.71
C TYR A 22 -2.87 -2.25 -15.83
N MET A 23 -1.68 -1.74 -15.51
N MET A 23 -1.78 -1.60 -15.59
CA MET A 23 -0.73 -1.00 -16.36
CA MET A 23 -1.25 -0.93 -16.77
C MET A 23 -0.05 -1.88 -17.41
C MET A 23 -0.63 -1.93 -17.77
N HIS A 24 -0.30 -3.18 -17.35
CA HIS A 24 0.29 -4.11 -18.32
C HIS A 24 -0.79 -4.78 -19.18
N TYR A 25 -2.07 -4.38 -19.09
CA TYR A 25 -3.05 -4.99 -19.98
C TYR A 25 -4.18 -4.08 -20.40
N LYS A 26 -4.26 -2.84 -19.90
CA LYS A 26 -5.31 -1.95 -20.39
C LYS A 26 -4.84 -1.05 -21.53
N SER A 27 -5.77 -0.23 -22.03
CA SER A 27 -5.56 0.58 -23.24
C SER A 27 -4.63 1.78 -22.95
N ASN A 28 -4.13 2.37 -24.04
CA ASN A 28 -3.33 3.59 -23.89
C ASN A 28 -4.10 4.66 -23.14
N ARG A 29 -5.39 4.82 -23.44
CA ARG A 29 -6.16 5.86 -22.77
CA ARG A 29 -6.18 5.85 -22.77
C ARG A 29 -6.25 5.59 -21.27
N MET A 30 -6.46 4.35 -20.88
CA MET A 30 -6.52 4.04 -19.46
C MET A 30 -5.17 4.22 -18.77
N ILE A 31 -4.09 3.79 -19.40
CA ILE A 31 -2.75 3.93 -18.84
C ILE A 31 -2.39 5.40 -18.71
N ASP A 32 -2.66 6.18 -19.75
CA ASP A 32 -2.41 7.60 -19.74
C ASP A 32 -3.15 8.25 -18.58
N SER A 33 -4.40 7.85 -18.36
CA SER A 33 -5.21 8.44 -17.29
C SER A 33 -4.61 8.19 -15.92
N VAL A 34 -4.14 6.96 -15.67
CA VAL A 34 -3.50 6.67 -14.38
C VAL A 34 -2.25 7.53 -14.20
N LEU A 35 -1.38 7.56 -15.21
CA LEU A 35 -0.10 8.27 -15.07
C LEU A 35 -0.31 9.78 -15.01
N GLU A 36 -1.22 10.33 -15.82
CA GLU A 36 -1.53 11.76 -15.72
CA GLU A 36 -1.51 11.75 -15.72
C GLU A 36 -2.14 12.09 -14.37
N SER A 37 -2.98 11.19 -13.85
CA SER A 37 -3.53 11.42 -12.51
C SER A 37 -2.42 11.48 -11.47
N ALA A 38 -1.49 10.55 -11.55
CA ALA A 38 -0.36 10.52 -10.63
C ALA A 38 0.43 11.81 -10.72
N ARG A 39 0.76 12.25 -11.94
CA ARG A 39 1.49 13.49 -12.10
CA ARG A 39 1.50 13.49 -12.10
C ARG A 39 0.72 14.66 -11.50
N ASP A 40 -0.58 14.75 -11.81
CA ASP A 40 -1.37 15.88 -11.33
CA ASP A 40 -1.33 15.91 -11.33
C ASP A 40 -1.45 15.91 -9.81
N MET A 41 -1.45 14.74 -9.18
CA MET A 41 -1.55 14.61 -7.73
C MET A 41 -0.20 14.70 -7.02
N GLY A 42 0.92 14.70 -7.75
CA GLY A 42 2.23 14.74 -7.11
C GLY A 42 2.75 13.38 -6.70
N ILE A 43 2.15 12.33 -7.21
CA ILE A 43 2.54 10.95 -6.90
C ILE A 43 3.73 10.65 -7.79
N LYS A 44 4.90 10.37 -7.17
CA LYS A 44 6.14 10.26 -7.94
C LYS A 44 6.52 8.84 -8.29
N VAL A 45 5.97 7.85 -7.60
CA VAL A 45 6.31 6.43 -7.83
C VAL A 45 5.04 5.63 -7.87
N LEU A 46 4.93 4.75 -8.88
CA LEU A 46 3.82 3.84 -8.99
CA LEU A 46 3.81 3.83 -8.97
C LEU A 46 4.35 2.41 -8.98
N ARG A 47 3.75 1.58 -8.13
CA ARG A 47 4.09 0.16 -8.00
C ARG A 47 3.09 -0.63 -8.84
N ILE A 48 3.62 -1.38 -9.79
CA ILE A 48 2.81 -2.06 -10.81
C ILE A 48 3.24 -3.52 -10.90
N TRP A 49 2.32 -4.32 -11.48
CA TRP A 49 2.63 -5.72 -11.71
C TRP A 49 3.39 -5.86 -13.03
N GLY A 50 4.43 -6.65 -13.00
CA GLY A 50 5.14 -7.00 -14.20
C GLY A 50 5.02 -8.48 -14.54
N PHE A 51 3.83 -9.03 -14.31
CA PHE A 51 3.61 -10.47 -14.49
C PHE A 51 2.19 -10.70 -15.00
N LEU A 52 2.06 -11.81 -15.78
CA LEU A 52 0.75 -12.30 -16.19
C LEU A 52 1.04 -13.76 -16.52
N ASP A 53 0.90 -14.62 -15.51
CA ASP A 53 1.31 -16.02 -15.56
C ASP A 53 0.13 -16.95 -15.79
N GLY A 54 0.26 -17.80 -16.78
CA GLY A 54 -0.69 -18.89 -17.04
C GLY A 54 -1.64 -18.59 -18.21
N GLU A 55 -1.98 -19.61 -18.96
CA GLU A 55 -2.76 -19.38 -20.19
CA GLU A 55 -2.74 -19.37 -20.19
C GLU A 55 -4.15 -18.86 -19.87
N SER A 56 -4.77 -19.32 -18.80
CA SER A 56 -6.12 -18.88 -18.47
C SER A 56 -6.16 -17.41 -18.05
N TYR A 57 -5.18 -16.97 -17.26
CA TYR A 57 -5.11 -15.61 -16.80
C TYR A 57 -4.82 -14.68 -17.97
N CYS A 58 -3.91 -15.09 -18.86
CA CYS A 58 -3.62 -14.29 -20.03
C CYS A 58 -4.83 -14.20 -20.96
N ARG A 59 -5.52 -15.33 -21.20
CA ARG A 59 -6.73 -15.31 -22.02
CA ARG A 59 -6.71 -15.28 -22.03
C ARG A 59 -7.76 -14.34 -21.44
N ASP A 60 -7.93 -14.37 -20.12
CA ASP A 60 -8.95 -13.55 -19.46
CA ASP A 60 -8.99 -13.56 -19.55
C ASP A 60 -8.73 -12.07 -19.73
N LYS A 61 -7.49 -11.64 -19.82
CA LYS A 61 -7.18 -10.25 -20.12
CA LYS A 61 -7.17 -10.25 -20.12
C LYS A 61 -6.79 -10.03 -21.58
N ASN A 62 -6.89 -11.05 -22.41
CA ASN A 62 -6.43 -10.99 -23.80
C ASN A 62 -5.03 -10.41 -23.91
N THR A 63 -4.18 -10.73 -22.93
CA THR A 63 -2.84 -10.15 -22.83
C THR A 63 -1.90 -11.22 -22.32
N TYR A 64 -0.79 -11.42 -23.04
CA TYR A 64 0.11 -12.54 -22.81
C TYR A 64 1.48 -12.07 -22.39
N MET A 65 1.97 -12.64 -21.27
CA MET A 65 3.33 -12.37 -20.82
C MET A 65 4.04 -13.68 -20.58
N HIS A 66 3.47 -14.57 -19.77
CA HIS A 66 4.09 -15.84 -19.43
C HIS A 66 3.04 -16.94 -19.42
N PRO A 67 2.50 -17.31 -20.59
CA PRO A 67 1.37 -18.23 -20.60
C PRO A 67 1.79 -19.67 -20.32
N GLU A 68 3.04 -20.02 -20.59
CA GLU A 68 3.57 -21.36 -20.41
CA GLU A 68 3.57 -21.36 -20.40
C GLU A 68 5.02 -21.22 -20.06
N PRO A 69 5.64 -22.23 -19.45
CA PRO A 69 7.09 -22.20 -19.24
C PRO A 69 7.83 -21.96 -20.56
N GLY A 70 8.77 -21.03 -20.52
CA GLY A 70 9.60 -20.72 -21.66
C GLY A 70 8.91 -19.94 -22.76
N VAL A 71 7.65 -19.54 -22.58
CA VAL A 71 6.91 -18.78 -23.59
C VAL A 71 6.73 -17.39 -23.01
N PHE A 72 7.41 -16.40 -23.59
CA PHE A 72 7.40 -15.03 -23.09
C PHE A 72 6.79 -14.10 -24.13
N GLY A 73 5.46 -14.04 -24.13
CA GLY A 73 4.74 -13.32 -25.18
C GLY A 73 3.50 -14.11 -25.57
N VAL A 74 3.01 -13.85 -26.77
CA VAL A 74 1.80 -14.51 -27.24
C VAL A 74 2.14 -15.90 -27.75
N PRO A 75 1.39 -16.92 -27.39
CA PRO A 75 1.67 -18.26 -27.91
C PRO A 75 1.36 -18.36 -29.39
N GLU A 76 1.92 -19.38 -30.02
CA GLU A 76 1.52 -19.69 -31.36
CA GLU A 76 1.52 -19.74 -31.36
C GLU A 76 0.02 -20.06 -31.41
N GLY A 77 -0.62 -19.72 -32.49
CA GLY A 77 -2.01 -20.08 -32.70
C GLY A 77 -3.03 -19.05 -32.31
N ILE A 78 -2.64 -17.92 -31.76
CA ILE A 78 -3.56 -16.93 -31.21
C ILE A 78 -3.43 -15.62 -31.96
N SER A 79 -4.54 -15.13 -32.48
CA SER A 79 -4.65 -13.84 -33.15
C SER A 79 -5.31 -12.83 -32.25
N ASN A 80 -5.09 -11.54 -32.58
CA ASN A 80 -5.77 -10.41 -31.95
C ASN A 80 -5.49 -10.28 -30.46
N ALA A 81 -4.33 -10.77 -29.98
CA ALA A 81 -4.01 -10.70 -28.58
C ALA A 81 -3.00 -9.59 -28.32
N GLN A 82 -3.05 -9.05 -27.12
CA GLN A 82 -2.05 -8.10 -26.67
C GLN A 82 -0.84 -8.84 -26.09
N ASN A 83 0.28 -8.15 -26.10
CA ASN A 83 1.53 -8.60 -25.52
C ASN A 83 1.80 -7.75 -24.30
N GLY A 84 1.88 -8.39 -23.13
CA GLY A 84 2.03 -7.62 -21.90
C GLY A 84 3.35 -6.86 -21.81
N PHE A 85 4.39 -7.35 -22.51
CA PHE A 85 5.63 -6.60 -22.54
C PHE A 85 5.48 -5.32 -23.33
N GLU A 86 4.68 -5.36 -24.39
CA GLU A 86 4.41 -4.13 -25.15
C GLU A 86 3.60 -3.16 -24.30
N ARG A 87 2.64 -3.66 -23.52
CA ARG A 87 1.88 -2.77 -22.65
C ARG A 87 2.78 -2.18 -21.55
N LEU A 88 3.62 -2.99 -20.95
CA LEU A 88 4.59 -2.47 -20.01
CA LEU A 88 4.60 -2.48 -20.01
C LEU A 88 5.52 -1.47 -20.67
N ASP A 89 5.95 -1.75 -21.91
CA ASP A 89 6.79 -0.80 -22.63
C ASP A 89 6.11 0.54 -22.78
N TYR A 90 4.81 0.53 -23.15
CA TYR A 90 4.05 1.76 -23.27
C TYR A 90 3.96 2.49 -21.92
N THR A 91 3.63 1.76 -20.85
CA THR A 91 3.56 2.35 -19.51
C THR A 91 4.87 3.00 -19.13
N ILE A 92 5.98 2.30 -19.37
CA ILE A 92 7.30 2.87 -19.04
C ILE A 92 7.55 4.13 -19.85
N ALA A 93 7.26 4.11 -21.16
CA ALA A 93 7.52 5.27 -21.98
C ALA A 93 6.68 6.44 -21.54
N LYS A 94 5.42 6.20 -21.21
CA LYS A 94 4.55 7.29 -20.79
C LYS A 94 4.96 7.82 -19.42
N ALA A 95 5.27 6.91 -18.48
CA ALA A 95 5.80 7.33 -17.18
C ALA A 95 7.03 8.20 -17.35
N LYS A 96 7.94 7.79 -18.24
CA LYS A 96 9.14 8.57 -18.49
CA LYS A 96 9.15 8.56 -18.51
C LYS A 96 8.82 9.97 -18.97
N GLU A 97 7.86 10.10 -19.87
CA GLU A 97 7.47 11.41 -20.37
C GLU A 97 6.96 12.29 -19.26
N LEU A 98 6.24 11.70 -18.29
CA LEU A 98 5.62 12.45 -17.22
C LEU A 98 6.45 12.52 -15.95
N GLY A 99 7.63 11.94 -15.90
CA GLY A 99 8.48 12.04 -14.75
C GLY A 99 8.10 11.12 -13.60
N ILE A 100 7.40 10.04 -13.88
CA ILE A 100 6.96 9.08 -12.86
CA ILE A 100 6.99 9.10 -12.84
C ILE A 100 7.93 7.91 -12.87
N LYS A 101 8.29 7.42 -11.69
CA LYS A 101 9.14 6.24 -11.56
C LYS A 101 8.29 5.05 -11.16
N LEU A 102 8.80 3.84 -11.47
CA LEU A 102 8.01 2.63 -11.35
C LEU A 102 8.74 1.58 -10.52
N ILE A 103 8.00 0.91 -9.65
CA ILE A 103 8.49 -0.32 -9.00
C ILE A 103 7.77 -1.46 -9.70
N ILE A 104 8.51 -2.40 -10.26
CA ILE A 104 7.93 -3.48 -11.06
C ILE A 104 8.07 -4.78 -10.27
N VAL A 105 6.92 -5.38 -9.94
CA VAL A 105 6.87 -6.59 -9.13
C VAL A 105 6.85 -7.81 -10.09
N LEU A 106 7.60 -8.86 -9.73
CA LEU A 106 7.93 -9.90 -10.71
C LEU A 106 7.06 -11.14 -10.64
N VAL A 107 6.43 -11.44 -9.50
CA VAL A 107 5.46 -12.54 -9.37
C VAL A 107 4.52 -12.17 -8.23
N ASN A 108 3.35 -12.81 -8.21
CA ASN A 108 2.37 -12.64 -7.13
C ASN A 108 2.39 -13.82 -6.17
N ASN A 109 2.37 -13.53 -4.86
CA ASN A 109 2.13 -14.59 -3.89
C ASN A 109 0.77 -15.24 -4.12
N TRP A 110 -0.21 -14.42 -4.47
CA TRP A 110 -1.61 -14.78 -4.62
C TRP A 110 -1.89 -15.25 -6.04
N ASP A 111 -3.09 -15.81 -6.23
CA ASP A 111 -3.46 -16.43 -7.50
C ASP A 111 -3.81 -15.42 -8.58
N ASP A 112 -4.06 -14.16 -8.23
CA ASP A 112 -4.42 -13.19 -9.24
C ASP A 112 -3.28 -13.03 -10.22
N PHE A 113 -3.61 -13.12 -11.52
CA PHE A 113 -2.61 -13.06 -12.58
C PHE A 113 -1.67 -14.26 -12.52
N GLY A 114 -2.18 -15.36 -11.97
CA GLY A 114 -1.50 -16.65 -11.96
C GLY A 114 -0.73 -16.92 -10.66
N GLY A 115 0.30 -16.13 -10.43
CA GLY A 115 0.99 -16.21 -9.17
C GLY A 115 1.85 -17.47 -9.04
N MET A 116 2.35 -17.60 -7.82
CA MET A 116 3.19 -18.76 -7.50
C MET A 116 2.48 -20.06 -7.79
N ASN A 117 1.18 -20.14 -7.47
CA ASN A 117 0.50 -21.41 -7.69
C ASN A 117 0.43 -21.79 -9.15
N GLN A 118 0.39 -20.81 -10.07
CA GLN A 118 0.47 -21.17 -11.48
C GLN A 118 1.80 -21.82 -11.80
N TYR A 119 2.90 -21.32 -11.23
CA TYR A 119 4.17 -22.00 -11.45
C TYR A 119 4.15 -23.39 -10.85
N VAL A 120 3.56 -23.55 -9.68
CA VAL A 120 3.48 -24.88 -9.06
C VAL A 120 2.74 -25.84 -9.96
N ARG A 121 1.63 -25.39 -10.55
CA ARG A 121 0.88 -26.26 -11.46
C ARG A 121 1.67 -26.59 -12.71
N TRP A 122 2.42 -25.64 -13.29
CA TRP A 122 3.22 -25.95 -14.48
C TRP A 122 4.23 -27.07 -14.22
N PHE A 123 4.68 -27.23 -12.97
CA PHE A 123 5.77 -28.14 -12.63
C PHE A 123 5.28 -29.29 -11.77
N GLY A 124 3.97 -29.53 -11.77
CA GLY A 124 3.43 -30.69 -11.14
C GLY A 124 3.50 -30.71 -9.62
N GLY A 125 3.67 -29.56 -8.99
CA GLY A 125 3.70 -29.54 -7.54
C GLY A 125 2.32 -29.57 -6.94
N THR A 126 2.30 -29.66 -5.60
CA THR A 126 1.03 -29.77 -4.89
CA THR A 126 1.07 -29.83 -4.82
C THR A 126 0.80 -28.72 -3.82
N HIS A 127 1.78 -27.87 -3.52
CA HIS A 127 1.64 -26.88 -2.48
C HIS A 127 2.22 -25.58 -2.95
N HIS A 128 1.56 -24.48 -2.59
CA HIS A 128 2.04 -23.13 -2.89
C HIS A 128 3.51 -22.98 -2.59
N ASP A 129 3.94 -23.42 -1.42
CA ASP A 129 5.31 -23.13 -1.02
C ASP A 129 6.34 -23.98 -1.74
N ASP A 130 5.91 -24.92 -2.58
CA ASP A 130 6.83 -25.60 -3.48
C ASP A 130 7.53 -24.59 -4.41
N PHE A 131 6.90 -23.42 -4.62
CA PHE A 131 7.46 -22.42 -5.50
C PHE A 131 8.88 -22.05 -5.06
N TYR A 132 9.12 -22.03 -3.75
CA TYR A 132 10.42 -21.60 -3.21
C TYR A 132 11.46 -22.72 -3.25
N ARG A 133 11.03 -23.98 -3.40
CA ARG A 133 11.86 -25.15 -3.14
C ARG A 133 12.22 -25.96 -4.37
N ASP A 134 11.32 -26.07 -5.35
CA ASP A 134 11.60 -26.87 -6.51
C ASP A 134 12.53 -26.10 -7.45
N GLU A 135 13.70 -26.69 -7.73
CA GLU A 135 14.68 -26.03 -8.59
CA GLU A 135 14.66 -26.00 -8.58
C GLU A 135 14.10 -25.71 -9.97
N ARG A 136 13.22 -26.57 -10.49
CA ARG A 136 12.66 -26.28 -11.80
C ARG A 136 11.79 -25.03 -11.78
N ILE A 137 11.11 -24.77 -10.67
CA ILE A 137 10.30 -23.58 -10.56
C ILE A 137 11.20 -22.36 -10.41
N LYS A 138 12.22 -22.48 -9.55
CA LYS A 138 13.18 -21.39 -9.40
C LYS A 138 13.81 -21.04 -10.74
N GLU A 139 14.19 -22.06 -11.52
CA GLU A 139 14.81 -21.83 -12.82
C GLU A 139 13.87 -21.10 -13.76
N GLU A 140 12.59 -21.48 -13.78
CA GLU A 140 11.65 -20.79 -14.65
C GLU A 140 11.41 -19.34 -14.23
N TYR A 141 11.33 -19.07 -12.92
CA TYR A 141 11.27 -17.70 -12.46
C TYR A 141 12.50 -16.91 -12.92
N LYS A 142 13.71 -17.51 -12.76
CA LYS A 142 14.91 -16.85 -13.24
C LYS A 142 14.85 -16.58 -14.74
N LYS A 143 14.35 -17.53 -15.54
CA LYS A 143 14.26 -17.29 -16.98
C LYS A 143 13.32 -16.14 -17.29
N TYR A 144 12.21 -16.07 -16.59
CA TYR A 144 11.26 -14.98 -16.78
C TYR A 144 11.88 -13.64 -16.41
N VAL A 145 12.53 -13.56 -15.23
CA VAL A 145 13.13 -12.33 -14.80
C VAL A 145 14.25 -11.90 -15.74
N SER A 146 15.05 -12.86 -16.24
CA SER A 146 16.07 -12.52 -17.20
C SER A 146 15.47 -11.98 -18.48
N PHE A 147 14.38 -12.57 -18.94
CA PHE A 147 13.73 -12.05 -20.15
C PHE A 147 13.29 -10.61 -19.95
N LEU A 148 12.70 -10.33 -18.80
CA LEU A 148 12.23 -8.98 -18.51
CA LEU A 148 12.21 -8.98 -18.55
C LEU A 148 13.36 -7.99 -18.43
N ILE A 149 14.40 -8.29 -17.63
CA ILE A 149 15.51 -7.37 -17.45
C ILE A 149 16.22 -7.06 -18.75
N ASN A 150 16.35 -8.05 -19.66
CA ASN A 150 17.02 -7.85 -20.92
C ASN A 150 16.11 -7.29 -21.99
N HIS A 151 14.83 -7.11 -21.70
CA HIS A 151 13.91 -6.68 -22.73
C HIS A 151 14.19 -5.25 -23.20
N VAL A 152 14.21 -5.06 -24.51
CA VAL A 152 14.36 -3.71 -25.08
C VAL A 152 12.98 -3.12 -25.27
N ASN A 153 12.74 -1.99 -24.62
CA ASN A 153 11.45 -1.31 -24.73
C ASN A 153 11.24 -0.85 -26.17
N VAL A 154 10.14 -1.30 -26.81
CA VAL A 154 9.97 -1.03 -28.21
C VAL A 154 9.72 0.43 -28.53
N TYR A 155 9.26 1.21 -27.54
CA TYR A 155 9.01 2.62 -27.73
C TYR A 155 10.26 3.47 -27.47
N THR A 156 10.96 3.20 -26.37
CA THR A 156 12.13 4.04 -26.04
C THR A 156 13.40 3.55 -26.75
N GLY A 157 13.49 2.29 -27.12
CA GLY A 157 14.70 1.69 -27.62
C GLY A 157 15.71 1.35 -26.53
N VAL A 158 15.36 1.50 -25.27
CA VAL A 158 16.30 1.34 -24.15
C VAL A 158 15.96 0.04 -23.42
N PRO A 159 16.94 -0.85 -23.20
CA PRO A 159 16.68 -2.04 -22.41
C PRO A 159 16.28 -1.70 -20.99
N TYR A 160 15.45 -2.57 -20.38
CA TYR A 160 14.96 -2.32 -19.03
C TYR A 160 16.12 -2.16 -18.07
N ARG A 161 17.19 -2.95 -18.26
CA ARG A 161 18.41 -2.87 -17.43
C ARG A 161 18.96 -1.44 -17.35
N GLU A 162 18.77 -0.65 -18.40
CA GLU A 162 19.36 0.68 -18.48
C GLU A 162 18.33 1.80 -18.29
N GLU A 163 17.11 1.47 -17.91
CA GLU A 163 16.00 2.41 -17.92
C GLU A 163 15.84 3.06 -16.54
N PRO A 164 16.12 4.37 -16.40
CA PRO A 164 15.99 5.01 -15.09
C PRO A 164 14.57 5.21 -14.64
N THR A 165 13.60 5.11 -15.55
CA THR A 165 12.20 5.21 -15.12
C THR A 165 11.84 4.06 -14.19
N ILE A 166 12.48 2.90 -14.33
CA ILE A 166 12.31 1.81 -13.39
C ILE A 166 13.16 2.14 -12.17
N MET A 167 12.50 2.28 -11.02
CA MET A 167 13.19 2.57 -9.77
C MET A 167 13.68 1.32 -9.11
N ALA A 168 12.89 0.25 -9.14
CA ALA A 168 13.28 -0.96 -8.44
C ALA A 168 12.57 -2.15 -9.04
N TRP A 169 13.24 -3.30 -8.95
CA TRP A 169 12.64 -4.61 -9.15
C TRP A 169 12.20 -5.11 -7.81
N GLU A 170 11.02 -5.73 -7.74
CA GLU A 170 10.57 -6.37 -6.52
CA GLU A 170 10.56 -6.36 -6.54
C GLU A 170 10.31 -7.84 -6.78
N LEU A 171 10.81 -8.67 -5.89
CA LEU A 171 10.81 -10.10 -6.12
C LEU A 171 9.42 -10.70 -6.20
N ALA A 172 8.52 -10.35 -5.27
CA ALA A 172 7.27 -11.08 -5.13
C ALA A 172 6.28 -10.29 -4.29
N ASN A 173 5.09 -10.07 -4.82
CA ASN A 173 4.07 -9.34 -4.07
C ASN A 173 3.57 -10.20 -2.90
N GLU A 174 3.76 -9.71 -1.69
CA GLU A 174 3.17 -10.31 -0.48
C GLU A 174 3.62 -11.76 -0.28
N LEU A 175 4.89 -12.05 -0.57
CA LEU A 175 5.32 -13.42 -0.40
C LEU A 175 5.18 -13.92 1.03
N ARG A 176 4.71 -15.16 1.12
CA ARG A 176 4.52 -15.85 2.38
C ARG A 176 4.97 -17.29 2.24
N CYS A 177 5.39 -17.90 3.35
CA CYS A 177 5.79 -19.30 3.34
C CYS A 177 5.37 -19.89 4.70
N GLU A 178 4.07 -20.09 4.82
CA GLU A 178 3.49 -20.57 6.06
C GLU A 178 3.99 -21.94 6.46
N THR A 179 4.49 -22.74 5.52
CA THR A 179 5.02 -24.06 5.83
C THR A 179 6.41 -24.02 6.47
N ASP A 180 7.05 -22.85 6.60
CA ASP A 180 8.34 -22.79 7.28
C ASP A 180 8.36 -21.55 8.17
N LYS A 181 7.88 -21.72 9.40
CA LYS A 181 7.80 -20.60 10.31
C LYS A 181 9.14 -20.21 10.93
N SER A 182 10.21 -20.93 10.63
CA SER A 182 11.54 -20.44 11.00
C SER A 182 11.95 -19.21 10.19
N GLY A 183 11.30 -18.97 9.04
CA GLY A 183 11.72 -17.90 8.16
C GLY A 183 12.85 -18.26 7.21
N ASN A 184 13.45 -19.43 7.37
CA ASN A 184 14.69 -19.73 6.63
C ASN A 184 14.42 -19.99 5.16
N THR A 185 13.30 -20.61 4.81
CA THR A 185 13.04 -20.87 3.38
C THR A 185 13.00 -19.58 2.61
N LEU A 186 12.31 -18.55 3.14
CA LEU A 186 12.21 -17.29 2.41
C LEU A 186 13.53 -16.53 2.43
N VAL A 187 14.28 -16.60 3.54
CA VAL A 187 15.60 -15.97 3.55
C VAL A 187 16.46 -16.54 2.43
N GLU A 188 16.49 -17.88 2.30
CA GLU A 188 17.32 -18.48 1.28
CA GLU A 188 17.31 -18.50 1.27
C GLU A 188 16.84 -18.10 -0.13
N TRP A 189 15.53 -18.09 -0.34
CA TRP A 189 15.00 -17.78 -1.67
C TRP A 189 15.28 -16.33 -2.03
N VAL A 190 15.02 -15.43 -1.08
CA VAL A 190 15.28 -14.01 -1.33
C VAL A 190 16.76 -13.75 -1.59
N LYS A 191 17.64 -14.36 -0.79
CA LYS A 191 19.08 -14.22 -1.07
CA LYS A 191 19.07 -14.21 -1.06
C LYS A 191 19.40 -14.65 -2.49
N GLU A 192 18.93 -15.84 -2.87
CA GLU A 192 19.23 -16.37 -4.20
C GLU A 192 18.70 -15.47 -5.30
N MET A 193 17.45 -15.03 -5.18
CA MET A 193 16.83 -14.29 -6.27
C MET A 193 17.29 -12.85 -6.33
N SER A 194 17.49 -12.21 -5.20
CA SER A 194 18.01 -10.85 -5.25
C SER A 194 19.44 -10.83 -5.75
N SER A 195 20.26 -11.80 -5.35
CA SER A 195 21.63 -11.82 -5.88
CA SER A 195 21.62 -11.84 -5.89
CA SER A 195 21.63 -11.89 -5.88
C SER A 195 21.60 -12.13 -7.37
N TYR A 196 20.70 -12.99 -7.83
CA TYR A 196 20.58 -13.26 -9.24
C TYR A 196 20.21 -12.00 -10.02
N ILE A 197 19.23 -11.25 -9.55
CA ILE A 197 18.86 -10.01 -10.24
C ILE A 197 20.05 -9.06 -10.30
N LYS A 198 20.76 -8.88 -9.18
CA LYS A 198 21.92 -8.00 -9.20
C LYS A 198 22.97 -8.49 -10.18
N SER A 199 23.06 -9.80 -10.38
CA SER A 199 24.04 -10.32 -11.34
C SER A 199 23.69 -9.95 -12.77
N LEU A 200 22.43 -9.79 -13.07
CA LEU A 200 21.92 -9.38 -14.38
CA LEU A 200 21.98 -9.38 -14.38
C LEU A 200 21.88 -7.87 -14.53
N ASP A 201 21.64 -7.16 -13.44
CA ASP A 201 21.30 -5.73 -13.50
C ASP A 201 21.90 -5.11 -12.24
N PRO A 202 23.10 -4.56 -12.34
CA PRO A 202 23.68 -3.89 -11.18
C PRO A 202 23.17 -2.47 -11.00
N ASN A 203 22.27 -2.02 -11.86
CA ASN A 203 21.90 -0.60 -11.91
C ASN A 203 20.69 -0.25 -11.09
N HIS A 204 19.82 -1.23 -10.81
CA HIS A 204 18.54 -0.97 -10.17
C HIS A 204 18.50 -1.48 -8.74
N LEU A 205 17.72 -0.77 -7.93
CA LEU A 205 17.40 -1.21 -6.58
C LEU A 205 16.60 -2.49 -6.66
N VAL A 206 16.79 -3.34 -5.66
CA VAL A 206 16.01 -4.57 -5.50
C VAL A 206 15.37 -4.55 -4.12
N ALA A 207 14.08 -4.91 -4.09
CA ALA A 207 13.38 -5.10 -2.83
C ALA A 207 12.52 -6.33 -2.92
N VAL A 208 12.03 -6.75 -1.76
CA VAL A 208 11.33 -8.03 -1.66
C VAL A 208 9.89 -7.92 -2.12
N GLY A 209 9.14 -6.98 -1.55
CA GLY A 209 7.72 -6.84 -1.80
C GLY A 209 6.83 -7.49 -0.77
N ASP A 210 7.37 -7.98 0.33
CA ASP A 210 6.59 -8.63 1.39
C ASP A 210 5.83 -7.58 2.23
N GLU A 211 4.91 -8.10 3.02
CA GLU A 211 4.04 -7.30 3.88
C GLU A 211 4.73 -6.81 5.15
N GLY A 212 5.89 -7.33 5.51
CA GLY A 212 6.65 -6.82 6.64
C GLY A 212 6.50 -7.59 7.93
N PHE A 213 5.98 -8.81 7.90
CA PHE A 213 5.71 -9.49 9.17
C PHE A 213 6.98 -9.71 9.99
N PHE A 214 6.82 -9.64 11.31
CA PHE A 214 7.88 -9.87 12.28
C PHE A 214 7.83 -11.30 12.74
N SER A 215 8.92 -11.73 13.38
CA SER A 215 9.03 -13.11 13.89
C SER A 215 9.56 -13.08 15.32
N ASN A 216 8.74 -12.64 16.27
CA ASN A 216 9.04 -12.70 17.70
C ASN A 216 10.33 -11.94 18.06
N TYR A 217 10.34 -10.66 17.75
CA TYR A 217 11.47 -9.83 18.13
C TYR A 217 11.23 -9.31 19.55
N GLU A 218 12.27 -9.35 20.37
CA GLU A 218 12.14 -8.91 21.74
C GLU A 218 11.62 -7.49 21.81
N GLY A 219 10.54 -7.31 22.55
CA GLY A 219 10.00 -6.00 22.75
C GLY A 219 9.01 -5.53 21.71
N PHE A 220 8.70 -6.35 20.71
CA PHE A 220 7.78 -5.94 19.65
C PHE A 220 6.55 -6.82 19.70
N LYS A 221 5.43 -6.22 20.15
CA LYS A 221 4.13 -6.87 20.24
C LYS A 221 3.08 -5.98 19.61
N PRO A 222 1.98 -6.54 19.13
CA PRO A 222 0.96 -5.73 18.45
C PRO A 222 0.20 -4.80 19.40
N TYR A 223 -0.22 -3.66 18.87
CA TYR A 223 -1.12 -2.79 19.64
C TYR A 223 -2.37 -3.57 20.05
N GLY A 224 -2.70 -3.48 21.34
CA GLY A 224 -3.96 -4.03 21.80
C GLY A 224 -4.02 -5.55 21.80
N GLY A 225 -2.89 -6.23 21.58
CA GLY A 225 -2.92 -7.68 21.52
C GLY A 225 -3.59 -8.26 20.31
N GLU A 226 -3.94 -7.44 19.28
CA GLU A 226 -4.62 -7.92 18.12
C GLU A 226 -3.65 -8.23 16.98
N ALA A 227 -4.01 -9.21 16.17
CA ALA A 227 -3.19 -9.63 15.02
C ALA A 227 -1.78 -10.04 15.46
N GLU A 228 -1.72 -10.86 16.53
CA GLU A 228 -0.45 -11.39 16.99
CA GLU A 228 -0.45 -11.39 16.99
C GLU A 228 0.28 -12.15 15.87
N TRP A 229 -0.45 -12.76 14.97
CA TRP A 229 0.16 -13.55 13.88
C TRP A 229 1.08 -12.70 13.03
N ALA A 230 0.82 -11.37 12.96
CA ALA A 230 1.67 -10.50 12.14
C ALA A 230 3.01 -10.21 12.81
N TYR A 231 3.13 -10.49 14.12
CA TYR A 231 4.32 -10.24 14.90
C TYR A 231 5.06 -11.51 15.31
N ASN A 232 4.47 -12.69 15.12
CA ASN A 232 5.04 -13.91 15.72
C ASN A 232 5.54 -14.94 14.72
N GLY A 233 5.70 -14.57 13.45
CA GLY A 233 6.35 -15.45 12.51
C GLY A 233 5.44 -16.40 11.77
N TRP A 234 4.13 -16.29 11.98
CA TRP A 234 3.18 -17.26 11.46
C TRP A 234 3.31 -17.42 9.95
N SER A 235 3.54 -16.32 9.23
CA SER A 235 3.57 -16.36 7.78
C SER A 235 4.88 -16.85 7.19
N GLY A 236 5.88 -17.14 8.01
CA GLY A 236 7.17 -17.56 7.49
C GLY A 236 8.06 -16.41 7.05
N VAL A 237 7.66 -15.18 7.33
CA VAL A 237 8.40 -13.97 7.00
C VAL A 237 9.12 -13.47 8.25
N ASP A 238 10.45 -13.39 8.17
CA ASP A 238 11.27 -12.76 9.22
C ASP A 238 11.84 -11.49 8.62
N TRP A 239 11.10 -10.38 8.80
CA TRP A 239 11.41 -9.16 8.09
C TRP A 239 12.82 -8.68 8.38
N LYS A 240 13.24 -8.74 9.64
CA LYS A 240 14.59 -8.28 9.97
CA LYS A 240 14.60 -8.33 10.01
C LYS A 240 15.65 -9.10 9.25
N LYS A 241 15.49 -10.42 9.14
CA LYS A 241 16.45 -11.25 8.44
C LYS A 241 16.44 -10.92 6.94
N LEU A 242 15.26 -10.69 6.38
CA LEU A 242 15.19 -10.34 4.96
C LEU A 242 15.86 -9.01 4.71
N LEU A 243 15.65 -8.03 5.58
CA LEU A 243 16.25 -6.71 5.36
C LEU A 243 17.75 -6.75 5.50
N SER A 244 18.28 -7.74 6.23
CA SER A 244 19.72 -7.86 6.40
C SER A 244 20.41 -8.43 5.16
N ILE A 245 19.68 -8.94 4.17
CA ILE A 245 20.30 -9.50 2.97
C ILE A 245 20.99 -8.39 2.20
N GLU A 246 22.26 -8.62 1.81
CA GLU A 246 23.07 -7.53 1.26
C GLU A 246 22.61 -7.08 -0.09
N THR A 247 21.94 -7.97 -0.85
CA THR A 247 21.44 -7.67 -2.16
C THR A 247 19.99 -7.17 -2.16
N VAL A 248 19.46 -6.83 -0.99
CA VAL A 248 18.18 -6.16 -0.80
C VAL A 248 18.50 -4.72 -0.39
N ASP A 249 17.98 -3.72 -1.14
CA ASP A 249 18.39 -2.34 -0.92
C ASP A 249 17.48 -1.57 0.03
N PHE A 250 16.20 -1.93 0.12
CA PHE A 250 15.30 -1.26 1.04
C PHE A 250 14.23 -2.23 1.46
N GLY A 251 13.67 -1.96 2.61
CA GLY A 251 12.58 -2.77 3.16
C GLY A 251 11.22 -2.31 2.68
N THR A 252 10.30 -3.28 2.59
CA THR A 252 8.92 -3.02 2.22
C THR A 252 8.01 -3.54 3.30
N PHE A 253 6.91 -2.84 3.53
CA PHE A 253 5.87 -3.39 4.38
C PHE A 253 4.53 -2.88 3.90
N HIS A 254 3.48 -3.64 4.20
CA HIS A 254 2.12 -3.33 3.80
C HIS A 254 1.30 -3.18 5.08
N LEU A 255 0.06 -2.67 4.94
CA LEU A 255 -0.74 -2.37 6.13
C LEU A 255 -2.24 -2.43 5.80
N TYR A 256 -2.93 -3.46 6.35
CA TYR A 256 -4.37 -3.63 6.15
C TYR A 256 -5.00 -4.14 7.43
N PRO A 257 -5.20 -3.28 8.41
CA PRO A 257 -5.71 -3.76 9.70
C PRO A 257 -7.04 -4.46 9.58
N SER A 258 -7.91 -4.04 8.65
CA SER A 258 -9.20 -4.69 8.53
C SER A 258 -9.13 -6.08 7.94
N HIS A 259 -8.07 -6.42 7.24
CA HIS A 259 -7.91 -7.78 6.75
C HIS A 259 -7.27 -8.68 7.79
N TRP A 260 -6.66 -8.11 8.83
CA TRP A 260 -5.71 -8.84 9.63
C TRP A 260 -6.21 -9.16 11.03
N GLY A 261 -7.46 -8.81 11.33
CA GLY A 261 -8.04 -9.12 12.62
C GLY A 261 -7.98 -7.98 13.63
N VAL A 262 -7.76 -6.76 13.19
CA VAL A 262 -7.77 -5.62 14.10
C VAL A 262 -9.19 -5.08 14.18
N SER A 263 -9.57 -4.63 15.36
CA SER A 263 -10.89 -4.01 15.55
C SER A 263 -10.89 -2.58 15.03
N PRO A 264 -12.01 -2.10 14.49
CA PRO A 264 -12.05 -0.72 13.97
C PRO A 264 -11.61 0.34 14.93
N GLU A 265 -11.98 0.22 16.21
CA GLU A 265 -11.57 1.25 17.16
CA GLU A 265 -11.58 1.20 17.21
C GLU A 265 -10.07 1.26 17.39
N ASN A 266 -9.34 0.28 16.85
CA ASN A 266 -7.90 0.20 16.97
C ASN A 266 -7.17 0.35 15.63
N TYR A 267 -7.87 0.54 14.53
CA TYR A 267 -7.20 0.59 13.21
C TYR A 267 -6.10 1.64 13.22
N ALA A 268 -6.43 2.86 13.67
CA ALA A 268 -5.47 3.95 13.58
C ALA A 268 -4.22 3.66 14.37
N GLN A 269 -4.38 3.28 15.64
CA GLN A 269 -3.23 3.04 16.51
C GLN A 269 -2.45 1.81 16.08
N TRP A 270 -3.14 0.72 15.69
CA TRP A 270 -2.43 -0.48 15.29
C TRP A 270 -1.53 -0.19 14.12
N GLY A 271 -2.06 0.53 13.12
CA GLY A 271 -1.28 0.89 11.98
C GLY A 271 -0.13 1.83 12.34
N ALA A 272 -0.41 2.78 13.24
CA ALA A 272 0.64 3.68 13.69
C ALA A 272 1.79 2.92 14.33
N LYS A 273 1.47 2.01 15.25
CA LYS A 273 2.53 1.22 15.91
C LYS A 273 3.25 0.35 14.88
N TRP A 274 2.50 -0.24 13.95
CA TRP A 274 3.11 -1.05 12.89
C TRP A 274 4.12 -0.21 12.12
N ILE A 275 3.75 1.01 11.76
CA ILE A 275 4.66 1.91 11.03
C ILE A 275 5.87 2.23 11.89
N GLU A 276 5.65 2.66 13.13
CA GLU A 276 6.78 3.03 13.96
CA GLU A 276 6.75 3.00 14.02
C GLU A 276 7.69 1.83 14.20
N ASP A 277 7.12 0.65 14.40
CA ASP A 277 7.94 -0.54 14.62
C ASP A 277 8.80 -0.85 13.40
N HIS A 278 8.24 -0.71 12.20
CA HIS A 278 9.01 -0.97 10.99
C HIS A 278 10.12 0.06 10.79
N ILE A 279 9.86 1.34 11.09
CA ILE A 279 10.90 2.34 10.95
C ILE A 279 11.98 2.09 11.97
N LYS A 280 11.60 1.70 13.19
CA LYS A 280 12.59 1.40 14.22
CA LYS A 280 12.57 1.39 14.24
C LYS A 280 13.49 0.25 13.82
N ILE A 281 12.90 -0.83 13.29
CA ILE A 281 13.72 -1.99 12.91
CA ILE A 281 13.69 -2.01 12.88
C ILE A 281 14.54 -1.67 11.67
N ALA A 282 13.98 -0.89 10.73
CA ALA A 282 14.80 -0.49 9.57
C ALA A 282 16.02 0.31 10.02
N LYS A 283 15.87 1.15 11.04
CA LYS A 283 16.99 1.89 11.58
CA LYS A 283 17.00 1.88 11.58
C LYS A 283 17.98 0.96 12.27
N GLU A 284 17.48 -0.07 12.96
CA GLU A 284 18.40 -1.02 13.62
C GLU A 284 19.30 -1.69 12.60
N ILE A 285 18.76 -2.03 11.43
CA ILE A 285 19.59 -2.65 10.37
C ILE A 285 20.36 -1.59 9.61
N GLY A 286 19.79 -0.41 9.43
CA GLY A 286 20.43 0.67 8.74
C GLY A 286 20.09 0.77 7.28
N LYS A 287 18.84 0.49 6.92
CA LYS A 287 18.43 0.56 5.54
C LYS A 287 17.12 1.30 5.41
N PRO A 288 16.86 1.92 4.25
CA PRO A 288 15.59 2.62 4.06
C PRO A 288 14.40 1.68 4.06
N VAL A 289 13.21 2.26 4.26
CA VAL A 289 11.99 1.49 4.30
C VAL A 289 10.88 2.27 3.61
N VAL A 290 10.01 1.52 2.93
CA VAL A 290 8.83 2.04 2.22
C VAL A 290 7.60 1.30 2.66
N LEU A 291 6.57 2.06 3.11
CA LEU A 291 5.22 1.54 3.32
C LEU A 291 4.61 1.50 1.94
N GLU A 292 4.62 0.33 1.31
CA GLU A 292 4.33 0.29 -0.14
C GLU A 292 2.91 -0.10 -0.48
N GLU A 293 2.11 -0.58 0.49
CA GLU A 293 0.68 -0.68 0.33
C GLU A 293 0.04 -0.35 1.68
N TYR A 294 -1.03 0.40 1.67
CA TYR A 294 -1.88 0.52 2.86
C TYR A 294 -3.27 0.87 2.41
N GLY A 295 -4.25 0.47 3.21
CA GLY A 295 -5.61 0.85 2.88
C GLY A 295 -6.58 0.50 3.99
N ILE A 296 -7.70 1.22 3.98
CA ILE A 296 -8.88 1.02 4.83
CA ILE A 296 -8.86 0.90 4.79
C ILE A 296 -10.05 0.97 3.85
N PRO A 297 -10.94 -0.01 3.90
CA PRO A 297 -12.08 -0.01 2.96
C PRO A 297 -13.01 1.15 3.22
N LYS A 298 -13.56 1.68 2.12
CA LYS A 298 -14.47 2.80 2.23
C LYS A 298 -15.65 2.49 3.13
N SER A 299 -16.11 1.25 3.15
CA SER A 299 -17.27 0.93 3.96
C SER A 299 -16.94 0.73 5.42
N ALA A 300 -15.67 0.75 5.83
CA ALA A 300 -15.38 0.60 7.24
C ALA A 300 -15.99 1.76 8.02
N PRO A 301 -16.43 1.51 9.27
CA PRO A 301 -17.14 2.48 10.10
C PRO A 301 -16.19 3.45 10.80
N VAL A 302 -15.24 3.99 10.05
CA VAL A 302 -14.23 4.93 10.53
C VAL A 302 -14.06 6.03 9.51
N ASN A 303 -13.48 7.15 9.96
CA ASN A 303 -13.03 8.24 9.10
C ASN A 303 -11.69 7.85 8.49
N ARG A 304 -11.73 7.38 7.23
CA ARG A 304 -10.54 6.90 6.57
C ARG A 304 -9.52 8.01 6.37
N THR A 305 -9.96 9.20 5.99
CA THR A 305 -8.98 10.26 5.72
C THR A 305 -8.15 10.59 6.96
N ALA A 306 -8.78 10.63 8.12
CA ALA A 306 -8.06 10.92 9.36
C ALA A 306 -7.04 9.86 9.67
N ILE A 307 -7.36 8.56 9.43
CA ILE A 307 -6.40 7.51 9.65
C ILE A 307 -5.26 7.60 8.67
N TYR A 308 -5.56 7.86 7.40
CA TYR A 308 -4.49 8.04 6.42
C TYR A 308 -3.62 9.24 6.77
N ARG A 309 -4.20 10.31 7.30
CA ARG A 309 -3.40 11.46 7.73
C ARG A 309 -2.38 11.05 8.79
N LEU A 310 -2.84 10.29 9.80
CA LEU A 310 -1.92 9.85 10.86
C LEU A 310 -0.79 9.01 10.27
N TRP A 311 -1.16 8.04 9.41
CA TRP A 311 -0.15 7.10 8.93
C TRP A 311 0.87 7.84 8.07
N ASN A 312 0.43 8.77 7.22
CA ASN A 312 1.37 9.53 6.42
C ASN A 312 2.22 10.46 7.29
N ASP A 313 1.62 11.06 8.35
CA ASP A 313 2.43 11.86 9.27
C ASP A 313 3.57 11.04 9.85
N LEU A 314 3.28 9.82 10.30
CA LEU A 314 4.30 9.00 10.95
C LEU A 314 5.37 8.60 9.98
N VAL A 315 5.02 8.18 8.76
CA VAL A 315 6.08 7.85 7.80
C VAL A 315 6.97 9.07 7.58
N TYR A 316 6.38 10.25 7.42
CA TYR A 316 7.22 11.41 7.15
C TYR A 316 8.05 11.80 8.37
N ASP A 317 7.40 11.94 9.51
CA ASP A 317 8.07 12.47 10.68
C ASP A 317 9.16 11.51 11.20
N LEU A 318 8.97 10.22 11.06
CA LEU A 318 9.92 9.24 11.59
C LEU A 318 11.00 8.88 10.59
N GLY A 319 10.96 9.43 9.38
CA GLY A 319 12.03 9.22 8.45
C GLY A 319 11.85 8.08 7.47
N GLY A 320 10.64 7.55 7.31
CA GLY A 320 10.41 6.59 6.26
C GLY A 320 10.56 7.24 4.90
N ASP A 321 10.97 6.45 3.92
CA ASP A 321 11.25 7.01 2.61
C ASP A 321 10.04 7.15 1.71
N GLY A 322 8.99 6.37 1.93
CA GLY A 322 7.83 6.46 1.08
C GLY A 322 6.61 5.88 1.72
N ALA A 323 5.47 6.41 1.30
CA ALA A 323 4.18 5.91 1.70
C ALA A 323 3.33 5.80 0.46
N MET A 324 2.87 4.59 0.16
CA MET A 324 2.16 4.31 -1.09
C MET A 324 0.82 3.67 -0.78
N PHE A 325 -0.27 4.36 -1.12
CA PHE A 325 -1.58 3.84 -0.85
C PHE A 325 -1.96 2.82 -1.89
N TRP A 326 -2.78 1.86 -1.49
CA TRP A 326 -3.49 1.00 -2.44
C TRP A 326 -4.91 1.55 -2.52
N MET A 327 -5.38 2.02 -3.69
CA MET A 327 -4.68 2.04 -4.97
CA MET A 327 -4.74 1.99 -5.00
C MET A 327 -5.24 3.18 -5.81
N LEU A 328 -4.51 3.58 -6.84
CA LEU A 328 -4.87 4.68 -7.71
C LEU A 328 -5.47 4.11 -8.98
N ALA A 329 -6.59 4.68 -9.41
CA ALA A 329 -7.16 4.34 -10.70
C ALA A 329 -7.46 5.62 -11.49
N GLY A 330 -7.82 5.42 -12.75
CA GLY A 330 -8.21 6.50 -13.64
C GLY A 330 -9.49 6.17 -14.37
N ILE A 331 -9.62 6.75 -15.58
CA ILE A 331 -10.84 6.55 -16.34
CA ILE A 331 -10.82 6.56 -16.38
C ILE A 331 -11.00 5.08 -16.71
N GLY A 332 -12.27 4.67 -16.83
CA GLY A 332 -12.61 3.31 -17.18
C GLY A 332 -13.13 3.19 -18.60
N GLU A 333 -13.18 1.97 -19.09
CA GLU A 333 -13.70 1.67 -20.43
C GLU A 333 -14.39 0.32 -20.41
N GLY A 334 -15.38 0.18 -21.29
CA GLY A 334 -15.94 -1.14 -21.47
C GLY A 334 -16.69 -1.57 -20.23
N SER A 335 -16.51 -2.83 -19.85
CA SER A 335 -17.21 -3.29 -18.66
C SER A 335 -16.56 -2.76 -17.38
N ASP A 336 -15.31 -2.34 -17.45
CA ASP A 336 -14.60 -1.78 -16.28
C ASP A 336 -14.78 -0.26 -16.29
N ARG A 337 -16.02 0.18 -16.13
CA ARG A 337 -16.34 1.59 -16.11
C ARG A 337 -17.57 1.77 -15.24
N ASP A 338 -17.49 2.66 -14.26
CA ASP A 338 -18.61 2.91 -13.38
C ASP A 338 -19.45 4.09 -13.88
N GLU A 339 -20.47 4.46 -13.10
CA GLU A 339 -21.41 5.48 -13.55
C GLU A 339 -20.77 6.85 -13.70
N ARG A 340 -19.66 7.11 -13.02
CA ARG A 340 -18.96 8.38 -13.15
C ARG A 340 -17.88 8.35 -14.23
N GLY A 341 -17.66 7.20 -14.86
CA GLY A 341 -16.72 7.09 -15.92
C GLY A 341 -15.37 6.56 -15.48
N TYR A 342 -15.21 6.22 -14.21
CA TYR A 342 -13.94 5.73 -13.70
C TYR A 342 -13.86 4.21 -13.73
N TYR A 343 -12.63 3.71 -13.68
CA TYR A 343 -12.45 2.31 -13.38
C TYR A 343 -13.12 2.05 -12.03
N PRO A 344 -13.90 0.97 -11.87
CA PRO A 344 -14.73 0.85 -10.67
C PRO A 344 -13.90 0.62 -9.42
N ASP A 345 -14.55 0.98 -8.30
CA ASP A 345 -14.00 0.71 -6.97
C ASP A 345 -14.42 -0.70 -6.56
N TYR A 346 -13.71 -1.70 -7.07
CA TYR A 346 -14.12 -3.08 -6.86
C TYR A 346 -13.85 -3.58 -5.45
N ASP A 347 -12.83 -3.04 -4.76
CA ASP A 347 -12.40 -3.55 -3.46
C ASP A 347 -12.63 -2.56 -2.31
N GLY A 348 -13.15 -1.36 -2.59
CA GLY A 348 -13.33 -0.34 -1.57
C GLY A 348 -12.10 0.47 -1.24
N PHE A 349 -11.00 0.29 -1.97
CA PHE A 349 -9.77 1.06 -1.70
C PHE A 349 -9.47 2.09 -2.77
N ARG A 350 -10.22 2.14 -3.89
CA ARG A 350 -9.83 3.02 -4.96
C ARG A 350 -9.80 4.48 -4.57
N ILE A 351 -8.75 5.16 -4.98
CA ILE A 351 -8.67 6.62 -4.98
CA ILE A 351 -8.67 6.61 -4.98
C ILE A 351 -8.47 7.06 -6.41
N VAL A 352 -9.19 8.09 -6.83
CA VAL A 352 -9.02 8.71 -8.13
C VAL A 352 -8.78 10.20 -7.92
N ASN A 353 -8.41 10.88 -9.00
CA ASN A 353 -8.06 12.31 -8.93
C ASN A 353 -9.36 13.14 -8.97
N ASP A 354 -10.07 13.14 -7.86
CA ASP A 354 -11.43 13.68 -7.80
C ASP A 354 -11.55 14.68 -6.64
N ASP A 355 -12.79 14.96 -6.22
CA ASP A 355 -13.06 15.89 -5.13
C ASP A 355 -13.26 15.18 -3.79
N SER A 356 -12.59 14.09 -3.56
CA SER A 356 -12.72 13.40 -2.29
C SER A 356 -11.76 13.98 -1.25
N PRO A 357 -12.05 13.78 0.02
CA PRO A 357 -11.08 14.17 1.04
C PRO A 357 -9.80 13.38 0.96
N GLU A 358 -9.87 12.11 0.52
CA GLU A 358 -8.64 11.33 0.42
C GLU A 358 -7.73 11.87 -0.67
N ALA A 359 -8.31 12.23 -1.83
CA ALA A 359 -7.52 12.82 -2.89
C ALA A 359 -6.86 14.11 -2.45
N GLU A 360 -7.57 14.94 -1.73
CA GLU A 360 -6.97 16.19 -1.27
CA GLU A 360 -7.05 16.20 -1.17
C GLU A 360 -5.85 15.92 -0.27
N LEU A 361 -6.01 14.92 0.58
CA LEU A 361 -4.95 14.55 1.51
C LEU A 361 -3.70 14.13 0.75
N ILE A 362 -3.86 13.29 -0.27
CA ILE A 362 -2.72 12.80 -1.04
CA ILE A 362 -2.70 12.81 -1.02
C ILE A 362 -2.00 13.95 -1.73
N ARG A 363 -2.76 14.89 -2.30
CA ARG A 363 -2.12 16.03 -2.95
C ARG A 363 -1.27 16.84 -1.96
N GLU A 364 -1.77 17.02 -0.73
CA GLU A 364 -1.04 17.79 0.28
CA GLU A 364 -1.02 17.82 0.22
C GLU A 364 0.23 17.08 0.69
N TYR A 365 0.11 15.78 0.97
CA TYR A 365 1.24 15.04 1.46
C TYR A 365 2.27 14.82 0.36
N ALA A 366 1.86 14.78 -0.91
CA ALA A 366 2.86 14.67 -1.99
C ALA A 366 3.81 15.85 -1.98
N LYS A 367 3.28 17.06 -1.77
CA LYS A 367 4.17 18.23 -1.71
CA LYS A 367 4.16 18.24 -1.70
C LYS A 367 5.11 18.16 -0.51
N LEU A 368 4.63 17.68 0.63
CA LEU A 368 5.45 17.51 1.81
C LEU A 368 6.62 16.56 1.55
N PHE A 369 6.33 15.38 0.98
CA PHE A 369 7.41 14.44 0.73
C PHE A 369 8.30 14.92 -0.40
N ASN A 370 7.73 15.53 -1.43
CA ASN A 370 8.50 15.87 -2.62
C ASN A 370 9.51 16.98 -2.38
N THR A 371 9.12 18.03 -1.67
CA THR A 371 9.98 19.20 -1.54
C THR A 371 10.11 19.65 -0.10
N GLY A 372 9.57 18.89 0.85
CA GLY A 372 9.58 19.35 2.21
C GLY A 372 8.70 20.56 2.43
N GLU A 373 7.73 20.78 1.55
CA GLU A 373 6.76 21.85 1.75
C GLU A 373 5.84 21.46 2.92
N ASP A 374 6.19 21.88 4.13
CA ASP A 374 5.47 21.45 5.35
C ASP A 374 4.59 22.59 5.80
N ILE A 375 3.37 22.61 5.29
CA ILE A 375 2.41 23.60 5.78
C ILE A 375 1.25 22.89 6.49
N ARG A 376 1.50 21.68 7.02
CA ARG A 376 0.46 20.99 7.79
C ARG A 376 -0.09 21.90 8.90
N GLU A 377 -1.40 21.86 9.07
CA GLU A 377 -2.06 22.71 10.03
CA GLU A 377 -2.12 22.72 10.00
C GLU A 377 -2.72 21.90 11.13
N ASP A 378 -2.60 22.43 12.35
CA ASP A 378 -3.19 21.73 13.51
C ASP A 378 -4.66 21.44 13.23
N THR A 379 -5.07 20.21 13.51
CA THR A 379 -6.37 19.65 13.13
CA THR A 379 -6.47 19.87 13.34
C THR A 379 -6.81 18.69 14.23
N CYS A 380 -8.12 18.49 14.37
CA CYS A 380 -8.66 17.41 15.18
CA CYS A 380 -8.61 17.35 15.13
C CYS A 380 -9.80 16.79 14.39
N SER A 381 -9.94 15.47 14.44
CA SER A 381 -10.98 14.80 13.68
CA SER A 381 -10.99 14.81 13.68
C SER A 381 -11.55 13.64 14.46
N PHE A 382 -12.86 13.44 14.35
CA PHE A 382 -13.43 12.19 14.80
C PHE A 382 -12.96 11.08 13.90
N ILE A 383 -12.60 9.96 14.50
CA ILE A 383 -12.28 8.73 13.75
C ILE A 383 -13.43 7.73 13.86
N LEU A 384 -14.02 7.59 15.04
CA LEU A 384 -15.23 6.81 15.25
C LEU A 384 -16.09 7.63 16.20
N PRO A 385 -17.39 7.73 15.96
CA PRO A 385 -18.07 7.16 14.81
C PRO A 385 -17.78 7.95 13.56
N LYS A 386 -18.13 7.31 12.48
CA LYS A 386 -18.09 7.91 11.17
C LYS A 386 -19.28 8.86 11.06
N ASP A 387 -19.10 9.96 10.34
CA ASP A 387 -20.19 10.92 10.12
C ASP A 387 -21.41 10.23 9.57
N GLY A 388 -22.58 10.52 10.14
CA GLY A 388 -23.83 10.01 9.65
C GLY A 388 -24.22 8.64 10.13
N MET A 389 -23.49 8.08 11.08
CA MET A 389 -23.73 6.72 11.55
CA MET A 389 -23.75 6.72 11.52
C MET A 389 -24.91 6.67 12.52
N GLU A 390 -25.65 5.58 12.48
CA GLU A 390 -26.61 5.26 13.52
C GLU A 390 -25.84 4.56 14.65
N ILE A 391 -26.04 5.03 15.89
CA ILE A 391 -25.33 4.51 17.03
C ILE A 391 -26.31 4.17 18.14
N LYS A 392 -25.94 3.23 18.99
CA LYS A 392 -26.77 2.86 20.13
C LYS A 392 -25.90 2.21 21.20
N LYS A 393 -26.49 2.04 22.37
CA LYS A 393 -25.80 1.48 23.52
C LYS A 393 -24.52 2.27 23.76
N THR A 394 -23.41 1.61 24.06
CA THR A 394 -22.17 2.32 24.37
C THR A 394 -21.26 2.26 23.15
N VAL A 395 -20.78 3.43 22.72
CA VAL A 395 -19.90 3.56 21.58
CA VAL A 395 -19.92 3.61 21.57
C VAL A 395 -18.52 4.00 22.05
N GLU A 396 -17.51 3.41 21.47
CA GLU A 396 -16.14 3.76 21.77
C GLU A 396 -15.76 4.88 20.82
N VAL A 397 -15.86 6.11 21.31
CA VAL A 397 -15.51 7.29 20.52
C VAL A 397 -14.00 7.38 20.39
N ARG A 398 -13.53 7.66 19.16
CA ARG A 398 -12.09 7.80 18.91
C ARG A 398 -11.91 9.09 18.13
N ALA A 399 -10.92 9.86 18.50
CA ALA A 399 -10.61 11.14 17.84
C ALA A 399 -9.10 11.24 17.68
N GLY A 400 -8.68 11.88 16.61
CA GLY A 400 -7.27 12.15 16.39
C GLY A 400 -6.98 13.63 16.60
N VAL A 401 -5.84 13.89 17.19
CA VAL A 401 -5.29 15.23 17.36
C VAL A 401 -4.03 15.27 16.50
N PHE A 402 -3.98 16.23 15.58
CA PHE A 402 -2.86 16.39 14.67
C PHE A 402 -2.18 17.70 15.07
N ASP A 403 -1.08 17.58 15.79
CA ASP A 403 -0.42 18.68 16.48
C ASP A 403 0.91 18.95 15.80
N TYR A 404 0.94 19.87 14.84
CA TYR A 404 2.16 20.17 14.13
C TYR A 404 2.93 21.33 14.76
N SER A 405 2.23 22.22 15.46
CA SER A 405 2.88 23.37 16.11
C SER A 405 3.47 23.00 17.46
N ASN A 406 3.17 21.82 17.96
CA ASN A 406 3.59 21.36 19.29
C ASN A 406 3.08 22.30 20.36
N THR A 407 1.79 22.67 20.23
CA THR A 407 1.10 23.54 21.19
C THR A 407 -0.21 22.96 21.69
N PHE A 408 -0.47 21.69 21.48
CA PHE A 408 -1.69 21.04 21.97
C PHE A 408 -1.70 20.95 23.49
N GLU A 409 -2.88 21.21 24.06
CA GLU A 409 -3.09 21.14 25.50
CA GLU A 409 -3.08 21.11 25.50
C GLU A 409 -4.08 20.05 25.89
N LYS A 410 -5.28 20.07 25.36
CA LYS A 410 -6.28 19.10 25.80
C LYS A 410 -7.43 19.04 24.80
N LEU A 411 -8.19 17.95 24.90
CA LEU A 411 -9.29 17.66 23.98
C LEU A 411 -10.59 17.58 24.76
N SER A 412 -11.69 18.06 24.14
CA SER A 412 -13.01 17.89 24.72
C SER A 412 -13.97 17.48 23.61
N VAL A 413 -15.07 16.83 24.02
CA VAL A 413 -16.17 16.50 23.09
C VAL A 413 -17.47 16.94 23.73
N LYS A 414 -18.32 17.58 22.94
CA LYS A 414 -19.61 18.04 23.41
C LYS A 414 -20.71 17.36 22.63
N VAL A 415 -21.74 16.90 23.34
CA VAL A 415 -22.94 16.36 22.71
C VAL A 415 -24.08 16.83 23.56
N GLU A 416 -25.05 17.53 22.95
CA GLU A 416 -26.14 18.15 23.69
CA GLU A 416 -26.14 18.19 23.66
C GLU A 416 -25.52 19.00 24.81
N ASP A 417 -25.94 18.80 26.05
CA ASP A 417 -25.40 19.59 27.15
CA ASP A 417 -25.47 19.54 27.22
C ASP A 417 -24.32 18.84 27.93
N LEU A 418 -23.81 17.76 27.38
CA LEU A 418 -22.74 16.99 28.00
C LEU A 418 -21.40 17.48 27.48
N VAL A 419 -20.42 17.56 28.37
CA VAL A 419 -19.06 17.94 28.04
C VAL A 419 -18.14 16.84 28.54
N PHE A 420 -17.55 16.12 27.63
CA PHE A 420 -16.60 15.04 27.95
C PHE A 420 -15.19 15.58 27.85
N GLU A 421 -14.46 15.51 28.94
CA GLU A 421 -13.08 15.97 28.85
C GLU A 421 -12.25 15.16 29.86
N ASN A 422 -12.78 15.03 31.06
CA ASN A 422 -12.04 14.42 32.15
C ASN A 422 -11.77 12.94 31.89
N GLU A 423 -12.67 12.26 31.18
CA GLU A 423 -12.54 10.83 30.93
C GLU A 423 -11.92 10.51 29.58
N ILE A 424 -11.55 11.52 28.80
CA ILE A 424 -10.91 11.27 27.52
C ILE A 424 -9.47 10.83 27.78
N GLU A 425 -9.09 9.68 27.22
CA GLU A 425 -7.79 9.09 27.50
C GLU A 425 -6.97 9.08 26.22
N HIS A 426 -5.66 9.34 26.37
CA HIS A 426 -4.75 9.19 25.25
C HIS A 426 -4.48 7.70 25.07
N LEU A 427 -4.71 7.23 23.83
CA LEU A 427 -4.52 5.82 23.51
C LEU A 427 -3.27 5.60 22.69
N GLY A 428 -2.50 6.64 22.45
CA GLY A 428 -1.25 6.53 21.72
C GLY A 428 -1.37 7.25 20.38
N TYR A 429 -0.26 7.84 19.95
CA TYR A 429 -0.10 8.41 18.59
C TYR A 429 -1.01 9.59 18.33
N GLY A 430 -1.52 10.25 19.35
CA GLY A 430 -2.46 11.34 19.16
C GLY A 430 -3.90 10.89 18.99
N ILE A 431 -4.18 9.61 19.25
CA ILE A 431 -5.54 9.09 19.22
C ILE A 431 -6.05 9.09 20.64
N TYR A 432 -7.27 9.59 20.80
CA TYR A 432 -7.91 9.71 22.11
C TYR A 432 -9.24 9.02 22.06
N GLY A 433 -9.71 8.59 23.23
CA GLY A 433 -10.97 7.88 23.26
C GLY A 433 -11.67 7.93 24.59
N PHE A 434 -12.94 7.59 24.55
CA PHE A 434 -13.76 7.38 25.75
C PHE A 434 -15.00 6.62 25.32
N ASP A 435 -15.71 6.09 26.30
CA ASP A 435 -16.97 5.37 26.08
C ASP A 435 -18.15 6.32 26.24
N LEU A 436 -18.99 6.40 25.22
CA LEU A 436 -20.18 7.22 25.24
C LEU A 436 -21.38 6.28 25.40
N ASP A 437 -22.06 6.38 26.53
CA ASP A 437 -23.31 5.65 26.76
C ASP A 437 -24.40 6.47 26.10
N THR A 438 -24.84 6.02 24.91
CA THR A 438 -25.80 6.82 24.16
C THR A 438 -27.19 6.80 24.76
N THR A 439 -27.46 5.92 25.72
CA THR A 439 -28.76 5.98 26.38
C THR A 439 -28.89 7.22 27.24
N ARG A 440 -27.79 7.93 27.50
CA ARG A 440 -27.88 9.20 28.21
C ARG A 440 -28.43 10.31 27.33
N ILE A 441 -28.53 10.08 26.03
CA ILE A 441 -29.05 11.12 25.15
CA ILE A 441 -28.94 11.06 25.02
C ILE A 441 -30.27 10.60 24.40
N PRO A 442 -31.24 11.46 24.16
CA PRO A 442 -32.49 10.99 23.53
C PRO A 442 -32.24 10.50 22.11
N ASP A 443 -33.09 9.57 21.69
CA ASP A 443 -32.99 9.07 20.32
C ASP A 443 -33.18 10.22 19.34
N GLY A 444 -32.54 10.09 18.18
CA GLY A 444 -32.65 11.11 17.15
C GLY A 444 -31.29 11.55 16.69
N GLU A 445 -31.32 12.56 15.81
CA GLU A 445 -30.10 13.11 15.25
C GLU A 445 -29.45 14.07 16.25
N HIS A 446 -28.15 13.96 16.40
CA HIS A 446 -27.40 14.86 17.24
C HIS A 446 -26.08 15.20 16.60
N GLU A 447 -25.62 16.44 16.81
CA GLU A 447 -24.28 16.84 16.44
CA GLU A 447 -24.28 16.85 16.43
C GLU A 447 -23.31 16.57 17.57
N MET A 448 -22.15 16.03 17.24
CA MET A 448 -21.08 15.78 18.19
C MET A 448 -19.95 16.71 17.82
N PHE A 449 -19.48 17.47 18.79
CA PHE A 449 -18.48 18.49 18.57
C PHE A 449 -17.18 18.08 19.23
N LEU A 450 -16.10 18.20 18.48
CA LEU A 450 -14.76 17.94 18.98
C LEU A 450 -14.02 19.25 19.05
N GLU A 451 -13.41 19.55 20.19
CA GLU A 451 -12.64 20.77 20.34
C GLU A 451 -11.23 20.41 20.80
N GLY A 452 -10.24 20.79 19.97
CA GLY A 452 -8.86 20.63 20.31
C GLY A 452 -8.39 21.95 20.86
N HIS A 453 -8.01 21.97 22.14
CA HIS A 453 -7.56 23.18 22.80
C HIS A 453 -6.05 23.24 22.67
N PHE A 454 -5.57 24.16 21.85
CA PHE A 454 -4.17 24.44 21.65
C PHE A 454 -3.88 25.76 22.31
N GLN A 455 -2.59 26.09 22.51
CA GLN A 455 -2.27 27.34 23.12
C GLN A 455 -2.62 28.46 22.14
N GLY A 456 -3.59 29.29 22.50
CA GLY A 456 -3.94 30.45 21.71
C GLY A 456 -4.98 30.20 20.62
N LYS A 457 -5.47 28.98 20.48
CA LYS A 457 -6.51 28.71 19.50
C LYS A 457 -7.24 27.43 19.81
N THR A 458 -8.45 27.34 19.31
CA THR A 458 -9.22 26.12 19.35
C THR A 458 -9.41 25.63 17.93
N VAL A 459 -9.27 24.34 17.72
CA VAL A 459 -9.58 23.74 16.42
C VAL A 459 -10.73 22.76 16.62
N LYS A 460 -11.55 22.63 15.60
CA LYS A 460 -12.83 21.94 15.76
C LYS A 460 -13.10 20.94 14.66
N ASP A 461 -13.91 19.96 15.01
CA ASP A 461 -14.54 19.05 14.06
C ASP A 461 -15.95 18.82 14.57
N SER A 462 -16.84 18.42 13.68
CA SER A 462 -18.15 17.98 14.12
C SER A 462 -18.66 16.93 13.17
N ILE A 463 -19.45 16.02 13.71
CA ILE A 463 -20.17 15.04 12.91
C ILE A 463 -21.60 15.00 13.40
N LYS A 464 -22.43 14.37 12.60
CA LYS A 464 -23.80 14.04 12.97
C LYS A 464 -23.89 12.55 13.20
N ALA A 465 -24.66 12.15 14.19
CA ALA A 465 -24.94 10.75 14.45
C ALA A 465 -26.40 10.64 14.85
N LYS A 466 -27.01 9.49 14.52
CA LYS A 466 -28.40 9.22 14.88
C LYS A 466 -28.42 8.18 15.99
N VAL A 467 -28.91 8.57 17.16
CA VAL A 467 -29.00 7.67 18.29
C VAL A 467 -30.28 6.86 18.17
N VAL A 468 -30.15 5.54 18.17
CA VAL A 468 -31.30 4.69 17.86
C VAL A 468 -31.42 3.56 18.89
N ASN A 469 -31.57 3.92 20.16
CA ASN A 469 -31.71 2.91 21.21
C ASN A 469 -33.10 2.31 21.25
N GLU A 470 -34.09 2.94 20.64
CA GLU A 470 -35.45 2.39 20.62
C GLU A 470 -35.96 2.23 19.20
C1 MPD B . 16.03 -21.21 -2.05
C2 MPD B . 15.62 -22.56 -1.45
O2 MPD B . 15.13 -23.37 -2.55
CM MPD B . 14.51 -22.32 -0.42
C3 MPD B . 16.80 -23.30 -0.80
C4 MPD B . 17.81 -23.85 -1.81
H11 MPD B . 17.11 -21.21 -2.24
H12 MPD B . 15.78 -20.40 -1.36
H13 MPD B . 15.52 -21.05 -3.01
HO2 MPD B . 15.50 -24.27 -2.47
HM1 MPD B . 14.92 -22.43 0.58
HM2 MPD B . 14.11 -21.30 -0.54
HM3 MPD B . 13.71 -23.03 -0.58
H31 MPD B . 17.31 -22.61 -0.12
H32 MPD B . 16.41 -24.13 -0.20
H4 MPD B . 17.64 -24.93 -1.91
C1 MPD C . 26.93 -4.74 -1.36
C2 MPD C . 27.40 -3.77 -0.30
O2 MPD C . 28.05 -4.53 0.74
CM MPD C . 26.15 -3.05 0.22
C3 MPD C . 28.42 -2.80 -0.91
C4 MPD C . 28.88 -1.67 0.01
O4 MPD C . 29.83 -2.21 0.91
C5 MPD C . 29.52 -0.51 -0.76
H11 MPD C . 27.46 -4.55 -2.30
H12 MPD C . 27.14 -5.76 -1.04
H13 MPD C . 25.86 -4.62 -1.53
HO2 MPD C . 29.00 -4.30 0.77
HM1 MPD C . 25.73 -2.44 -0.57
HM2 MPD C . 26.42 -2.42 1.07
HM3 MPD C . 25.42 -3.80 0.54
H31 MPD C . 29.29 -3.38 -1.23
H32 MPD C . 27.97 -2.36 -1.80
H4 MPD C . 28.01 -1.28 0.54
HO4 MPD C . 29.46 -2.18 1.82
H51 MPD C . 30.54 -0.37 -0.42
H52 MPD C . 29.52 -0.74 -1.83
H53 MPD C . 28.94 0.40 -0.58
C1 MPD D . -17.79 10.86 35.05
C2 MPD D . -16.33 11.25 35.28
O2 MPD D . -16.19 12.67 35.03
CM MPD D . -15.39 10.50 34.34
C3 MPD D . -15.92 10.98 36.73
C4 MPD D . -15.75 9.49 37.01
H11 MPD D . -18.12 10.19 35.84
H12 MPD D . -17.86 10.33 34.09
H13 MPD D . -18.40 11.75 35.03
HO2 MPD D . -15.81 13.11 35.81
HM1 MPD D . -14.49 10.22 34.88
HM2 MPD D . -15.89 9.61 33.96
HM3 MPD D . -15.13 11.16 33.51
H31 MPD D . -16.68 11.38 37.40
H32 MPD D . -15.00 11.50 36.95
H4 MPD D . -16.62 9.14 37.55
C1 EDO E . -10.66 -7.11 -11.89
O1 EDO E . -9.57 -8.04 -12.00
C2 EDO E . -11.32 -7.22 -10.52
O2 EDO E . -12.72 -7.46 -10.67
H11 EDO E . -11.40 -7.32 -12.66
H12 EDO E . -10.29 -6.10 -12.03
HO1 EDO E . -9.21 -8.02 -12.89
H21 EDO E . -11.15 -6.30 -9.96
H22 EDO E . -10.86 -8.03 -9.95
HO2 EDO E . -13.14 -7.57 -9.80
C1 EDO F . -4.45 -12.82 4.91
O1 EDO F . -4.32 -13.23 6.29
C2 EDO F . -4.94 -11.38 4.82
O2 EDO F . -3.97 -10.53 4.17
H11 EDO F . -5.16 -13.48 4.41
H12 EDO F . -3.49 -12.92 4.41
HO1 EDO F . -4.05 -14.16 6.32
H21 EDO F . -5.13 -11.00 5.82
H22 EDO F . -5.87 -11.35 4.26
HO2 EDO F . -4.38 -9.67 3.97
C1 EDO G . -4.31 -17.51 12.03
O1 EDO G . -3.41 -18.00 13.05
C2 EDO G . -3.55 -16.59 11.08
O2 EDO G . -4.40 -15.58 10.49
H11 EDO G . -4.73 -18.35 11.48
H12 EDO G . -5.14 -16.97 12.50
HO1 EDO G . -3.90 -18.57 13.67
H21 EDO G . -2.75 -16.08 11.62
H22 EDO G . -3.10 -17.18 10.28
HO2 EDO G . -3.88 -15.00 9.92
C1 EDO H . -6.78 -21.57 -12.03
O1 EDO H . -7.05 -22.12 -13.33
C2 EDO H . -7.44 -22.43 -10.95
O2 EDO H . -7.28 -21.84 -9.64
H11 EDO H . -7.17 -20.55 -11.97
H12 EDO H . -5.72 -21.53 -11.86
HO1 EDO H . -6.65 -21.56 -14.00
H21 EDO H . -8.52 -22.54 -11.17
H22 EDO H . -7.00 -23.42 -10.94
HO2 EDO H . -7.72 -22.39 -8.98
C ACT I . 14.41 4.71 -1.67
O ACT I . 13.25 4.55 -1.19
OXT ACT I . 15.41 3.93 -1.60
CH3 ACT I . 14.65 6.06 -2.42
H1 ACT I . 15.29 6.59 -1.92
H2 ACT I . 14.99 5.88 -3.31
H3 ACT I . 13.81 6.55 -2.47
C1 EDO J . -5.24 -11.34 -0.72
O1 EDO J . -5.78 -12.00 -1.87
C2 EDO J . -5.26 -12.26 0.51
O2 EDO J . -5.95 -13.48 0.20
H11 EDO J . -4.21 -11.04 -0.93
H12 EDO J . -5.82 -10.45 -0.51
HO1 EDO J . -5.70 -11.42 -2.63
H21 EDO J . -5.75 -11.75 1.34
H22 EDO J . -4.23 -12.48 0.82
HO2 EDO J . -6.04 -14.01 1.00
C CO3 K . -6.93 -7.74 -7.60
O1 CO3 K . -6.72 -7.15 -6.45
O2 CO3 K . -5.97 -7.79 -8.49
O3 CO3 K . -8.09 -8.28 -7.86
C CO3 L . -2.24 -2.80 -28.50
O1 CO3 L . -1.22 -1.99 -28.75
O2 CO3 L . -2.16 -4.08 -28.81
O3 CO3 L . -3.32 -2.34 -27.94
C1 GOL M . 4.74 6.05 -26.44
O1 GOL M . 4.71 6.07 -27.85
C2 GOL M . 4.45 7.49 -25.97
O2 GOL M . 3.83 7.48 -24.75
C3 GOL M . 5.82 8.21 -25.89
O3 GOL M . 5.62 9.41 -25.17
H11 GOL M . 5.59 5.76 -26.09
H12 GOL M . 4.07 5.46 -26.07
HO1 GOL M . 4.42 5.32 -28.09
H2 GOL M . 3.88 7.95 -26.60
HO2 GOL M . 4.07 8.18 -24.32
H31 GOL M . 6.15 8.35 -26.78
H32 GOL M . 6.46 7.61 -25.47
HO3 GOL M . 6.38 9.79 -25.12
C1 EDO N . 7.56 2.54 -32.94
O1 EDO N . 7.29 1.28 -32.32
C2 EDO N . 7.44 3.66 -31.91
O2 EDO N . 8.73 4.25 -31.68
H11 EDO N . 6.86 2.70 -33.75
H12 EDO N . 8.57 2.53 -33.36
HO1 EDO N . 7.29 0.58 -32.99
H21 EDO N . 7.04 3.25 -30.98
H22 EDO N . 6.75 4.42 -32.28
HO2 EDO N . 8.64 4.96 -31.03
C1 EDO O . -14.09 11.22 -16.39
O1 EDO O . -14.14 10.08 -15.53
C2 EDO O . -13.57 12.42 -15.61
O2 EDO O . -14.66 13.06 -14.94
H11 EDO O . -13.44 11.02 -17.25
H12 EDO O . -15.09 11.43 -16.77
HO1 EDO O . -14.44 9.31 -16.02
H21 EDO O . -13.08 13.12 -16.28
H22 EDO O . -12.83 12.08 -14.87
HO2 EDO O . -14.34 13.86 -14.49
C1 PEG P . -0.10 -22.94 -28.47
O1 PEG P . 0.44 -23.29 -27.15
C2 PEG P . -1.43 -21.98 -28.27
O2 PEG P . -2.11 -22.30 -27.02
C3 PEG P . -2.79 -21.18 -26.39
C4 PEG P . -2.23 -20.86 -24.91
O4 PEG P . -3.08 -21.59 -23.96
H11 PEG P . -0.35 -23.75 -28.93
H12 PEG P . 0.57 -22.46 -28.97
HO1 PEG P . 1.21 -23.64 -27.26
H21 PEG P . -2.04 -22.14 -29.02
H22 PEG P . -1.16 -21.06 -28.27
H31 PEG P . -2.67 -20.38 -26.94
H32 PEG P . -3.73 -21.38 -26.33
H41 PEG P . -1.31 -21.16 -24.84
H42 PEG P . -2.28 -19.91 -24.74
C1 EDO Q . -7.90 -20.88 -20.55
O1 EDO Q . -8.84 -20.04 -19.86
C2 EDO Q . -7.33 -20.20 -21.77
O2 EDO Q . -6.17 -20.76 -22.39
H11 EDO Q . -8.41 -21.81 -20.85
H12 EDO Q . -7.10 -21.14 -19.87
HO1 EDO Q . -9.31 -20.56 -19.19
H21 EDO Q . -8.11 -20.16 -22.53
H22 EDO Q . -7.08 -19.17 -21.48
HO2 EDO Q . -5.97 -20.27 -23.19
C1 EDO R . -0.97 -25.64 -5.30
O1 EDO R . -1.18 -25.30 -6.67
C2 EDO R . -2.20 -25.32 -4.45
H11 EDO R . -0.74 -26.71 -5.22
H12 EDO R . -0.11 -25.08 -4.92
H21 EDO R . -2.09 -25.75 -3.46
H22 EDO R . -2.31 -24.24 -4.34
C TRS S . -3.34 -6.77 -2.20
C1 TRS S . -3.68 -8.27 -2.32
C2 TRS S . -4.58 -5.94 -2.39
C3 TRS S . -2.36 -6.40 -3.28
N TRS S . -2.74 -6.56 -0.86
O1 TRS S . -4.19 -8.56 -3.63
O2 TRS S . -5.54 -6.28 -1.38
O3 TRS S . -1.08 -6.90 -3.01
H11 TRS S . -4.43 -8.54 -1.57
H12 TRS S . -2.79 -8.86 -2.13
H21 TRS S . -5.00 -6.11 -3.39
H22 TRS S . -4.32 -4.88 -2.32
H31 TRS S . -2.33 -5.32 -3.38
H32 TRS S . -2.71 -6.81 -4.24
HN1 TRS S . -2.18 -5.73 -0.67
HN2 TRS S . -2.08 -7.23 -0.47
HN3 TRS S . -3.33 -6.49 -0.03
HO1 TRS S . -4.41 -9.50 -3.69
HO2 TRS S . -6.31 -5.68 -1.44
HO3 TRS S . -0.43 -6.42 -3.56
CL CL T . 0.41 -17.96 1.10
NA NA U . -2.92 -1.70 -7.72
#